data_9RDW
#
_entry.id   9RDW
#
_cell.length_a   52.294
_cell.length_b   72.033
_cell.length_c   98.807
_cell.angle_alpha   90.000
_cell.angle_beta   90.000
_cell.angle_gamma   90.000
#
_symmetry.space_group_name_H-M   'P 21 21 21'
#
loop_
_entity.id
_entity.type
_entity.pdbx_description
1 polymer 'cAMP-dependent protein kinase catalytic subunit alpha'
2 non-polymer 'DIMETHYL SULFOXIDE'
3 non-polymer (3~{R},5~{S})-5-[3-(4-methoxyphenyl)-1,2,4-oxadiazol-5-yl]pyrrolidin-3-ol
4 non-polymer DI(HYDROXYETHYL)ETHER
5 water water
#
_entity_poly.entity_id   1
_entity_poly.type   'polypeptide(L)'
_entity_poly.pdbx_seq_one_letter_code
;GHMGNAAAAKKGSEQESVKEFLAKAKEEFLKKWESPSQNTAQLDHFDRIKTLGTGSFGRVMLVKHKETGNHYAMKILDKQ
KVVKLKQIEHTLNEKRILQAVNFPFLVKLEFSFKDNSNLYMVMEYVPGGEMFSHLRRIGRF(SEP)EPHARFYAAQIVLT
FEYLHSLDLIYRDLKPENLLIDQQGYIQVTDFGFAKRVKGRTW(TPO)LCGTPEYLAPEIILSKGYNKAVDWWALGVLIY
EMAAGYPPFFADQPIQIYEKIVSGKVRFPSHFSSDLKDLLRNLLQVDLTKRFGNLKNGVNDIKNHKWFATTDWIAIYQRK
VEAPFIPKFKGPGDTSNFDDYEEEEIRV(SEP)INEKCGKEFTEF
;
_entity_poly.pdbx_strand_id   A
#
loop_
_chem_comp.id
_chem_comp.type
_chem_comp.name
_chem_comp.formula
A1JE6 non-polymer (3~{R},5~{S})-5-[3-(4-methoxyphenyl)-1,2,4-oxadiazol-5-yl]pyrrolidin-3-ol 'C13 H15 N3 O3'
DMS non-polymer 'DIMETHYL SULFOXIDE' 'C2 H6 O S'
PEG non-polymer DI(HYDROXYETHYL)ETHER 'C4 H10 O3'
#
# COMPACT_ATOMS: atom_id res chain seq x y z
N GLN A 15 20.84 -16.44 0.67
CA GLN A 15 22.26 -16.16 0.62
C GLN A 15 22.60 -15.14 1.69
N GLU A 16 23.84 -15.22 2.19
CA GLU A 16 24.36 -14.25 3.15
C GLU A 16 24.22 -12.82 2.65
N SER A 17 24.32 -12.59 1.33
CA SER A 17 24.14 -11.22 0.81
C SER A 17 22.73 -10.69 1.09
N VAL A 18 21.71 -11.54 0.99
CA VAL A 18 20.32 -11.14 1.30
C VAL A 18 20.15 -10.95 2.81
N LYS A 19 20.71 -11.86 3.62
CA LYS A 19 20.66 -11.70 5.07
C LYS A 19 21.33 -10.39 5.53
N GLU A 20 22.48 -10.03 4.95
CA GLU A 20 23.15 -8.80 5.37
C GLU A 20 22.42 -7.55 4.88
N PHE A 21 21.82 -7.62 3.68
CA PHE A 21 20.98 -6.52 3.21
C PHE A 21 19.82 -6.24 4.19
N LEU A 22 19.10 -7.29 4.61
CA LEU A 22 17.95 -7.10 5.51
C LEU A 22 18.40 -6.71 6.92
N ALA A 23 19.57 -7.15 7.39
CA ALA A 23 20.08 -6.70 8.70
C ALA A 23 20.34 -5.19 8.70
N LYS A 24 20.98 -4.67 7.63
CA LYS A 24 21.19 -3.22 7.52
C LYS A 24 19.86 -2.49 7.39
N ALA A 25 18.94 -3.03 6.59
CA ALA A 25 17.64 -2.37 6.43
C ALA A 25 16.95 -2.21 7.80
N LYS A 26 17.06 -3.24 8.66
CA LYS A 26 16.39 -3.17 9.97
C LYS A 26 17.09 -2.18 10.92
N GLU A 27 18.44 -2.14 10.89
CA GLU A 27 19.19 -1.15 11.67
C GLU A 27 18.79 0.30 11.30
N GLU A 28 18.67 0.58 10.00
CA GLU A 28 18.36 1.95 9.58
C GLU A 28 16.93 2.33 9.93
N PHE A 29 16.01 1.38 9.77
CA PHE A 29 14.61 1.57 10.19
C PHE A 29 14.53 1.88 11.69
N LEU A 30 15.21 1.08 12.51
CA LEU A 30 15.05 1.25 13.96
C LEU A 30 15.62 2.58 14.43
N LYS A 31 16.69 3.10 13.79
CA LYS A 31 17.21 4.41 14.22
C LYS A 31 16.17 5.51 14.02
N LYS A 32 15.44 5.51 12.90
CA LYS A 32 14.42 6.53 12.66
C LYS A 32 13.15 6.25 13.47
N TRP A 33 12.82 4.97 13.70
CA TRP A 33 11.65 4.58 14.49
C TRP A 33 11.77 5.11 15.93
N GLU A 34 12.97 4.99 16.51
N GLU A 34 12.98 5.04 16.49
CA GLU A 34 13.12 5.40 17.89
CA GLU A 34 13.18 5.44 17.88
C GLU A 34 13.16 6.91 18.05
C GLU A 34 13.45 6.92 18.05
N SER A 35 13.61 7.63 17.01
N SER A 35 13.66 7.69 16.99
CA SER A 35 13.71 9.10 17.04
CA SER A 35 13.69 9.15 17.08
C SER A 35 13.02 9.72 15.83
C SER A 35 13.02 9.78 15.86
N PRO A 36 11.69 9.78 15.82
CA PRO A 36 10.97 10.25 14.58
C PRO A 36 11.13 11.73 14.28
N SER A 37 11.22 12.06 12.97
N SER A 37 11.17 12.04 12.97
CA SER A 37 11.23 13.47 12.57
CA SER A 37 11.11 13.41 12.47
C SER A 37 9.82 14.07 12.71
C SER A 37 9.77 14.05 12.85
N GLN A 38 9.78 15.37 13.05
CA GLN A 38 8.53 16.10 13.31
C GLN A 38 8.66 17.50 12.74
N ASN A 39 7.53 18.06 12.27
CA ASN A 39 7.42 19.50 12.03
C ASN A 39 8.45 20.01 11.01
N THR A 40 8.49 19.39 9.83
CA THR A 40 9.56 19.69 8.87
C THR A 40 9.10 20.59 7.71
N ALA A 41 7.84 21.02 7.68
CA ALA A 41 7.37 22.05 6.71
C ALA A 41 6.21 22.81 7.35
N GLN A 42 5.56 23.71 6.58
CA GLN A 42 4.31 24.34 7.00
C GLN A 42 3.40 24.58 5.78
N LEU A 43 2.10 24.81 6.04
CA LEU A 43 1.12 24.84 4.92
C LEU A 43 1.39 25.98 3.94
N ASP A 44 1.75 27.17 4.45
CA ASP A 44 1.90 28.30 3.52
C ASP A 44 3.23 28.30 2.74
N HIS A 45 4.01 27.20 2.81
CA HIS A 45 5.13 26.97 1.91
C HIS A 45 4.67 26.36 0.57
N PHE A 46 3.38 26.04 0.43
CA PHE A 46 2.85 25.31 -0.74
C PHE A 46 1.65 26.04 -1.34
N ASP A 47 1.47 25.87 -2.68
CA ASP A 47 0.25 26.26 -3.41
C ASP A 47 -0.60 24.99 -3.61
N ARG A 48 -1.90 25.04 -3.37
CA ARG A 48 -2.81 23.94 -3.66
C ARG A 48 -3.20 23.96 -5.15
N ILE A 49 -3.17 22.79 -5.79
N ILE A 49 -3.23 22.79 -5.77
CA ILE A 49 -3.48 22.66 -7.24
CA ILE A 49 -3.54 22.67 -7.19
C ILE A 49 -4.82 21.92 -7.48
C ILE A 49 -4.87 21.92 -7.44
N LYS A 50 -4.98 20.69 -6.94
CA LYS A 50 -6.15 19.87 -7.29
C LYS A 50 -6.36 18.76 -6.27
N THR A 51 -7.63 18.41 -5.99
CA THR A 51 -7.93 17.22 -5.16
C THR A 51 -7.77 15.94 -5.99
N LEU A 52 -6.89 15.01 -5.55
CA LEU A 52 -6.68 13.75 -6.28
C LEU A 52 -7.54 12.59 -5.77
N GLY A 53 -8.03 12.66 -4.54
CA GLY A 53 -8.91 11.61 -4.00
C GLY A 53 -9.40 12.01 -2.60
N THR A 54 -10.52 11.41 -2.18
CA THR A 54 -11.15 11.80 -0.90
C THR A 54 -11.77 10.61 -0.16
N GLY A 55 -11.77 10.68 1.18
CA GLY A 55 -12.37 9.68 2.07
C GLY A 55 -13.08 10.19 3.34
N SER A 56 -13.25 9.31 4.34
CA SER A 56 -14.07 9.62 5.53
C SER A 56 -13.47 10.73 6.40
N PHE A 57 -12.15 10.74 6.60
CA PHE A 57 -11.53 11.70 7.51
C PHE A 57 -10.39 12.47 6.88
N GLY A 58 -10.09 12.20 5.59
CA GLY A 58 -8.95 12.77 4.88
C GLY A 58 -9.12 12.90 3.36
N ARG A 59 -8.15 13.57 2.73
CA ARG A 59 -8.06 13.81 1.28
C ARG A 59 -6.59 13.75 0.87
N VAL A 60 -6.33 13.59 -0.43
CA VAL A 60 -4.98 13.78 -0.97
C VAL A 60 -5.05 14.88 -2.06
N MET A 61 -4.12 15.82 -1.97
N MET A 61 -4.20 15.91 -1.93
CA MET A 61 -4.04 16.99 -2.84
CA MET A 61 -4.17 17.04 -2.88
C MET A 61 -2.76 16.93 -3.67
C MET A 61 -2.81 17.16 -3.57
N LEU A 62 -2.81 17.46 -4.89
CA LEU A 62 -1.58 17.87 -5.56
C LEU A 62 -1.24 19.29 -5.09
N VAL A 63 0.01 19.51 -4.66
CA VAL A 63 0.54 20.80 -4.24
C VAL A 63 1.87 21.10 -4.93
N LYS A 64 2.26 22.39 -4.97
CA LYS A 64 3.55 22.81 -5.49
C LYS A 64 4.28 23.63 -4.43
N HIS A 65 5.53 23.28 -4.15
CA HIS A 65 6.35 24.05 -3.21
C HIS A 65 6.70 25.42 -3.83
N LYS A 66 6.43 26.51 -3.09
CA LYS A 66 6.51 27.85 -3.70
C LYS A 66 7.95 28.27 -4.02
N GLU A 67 8.96 27.79 -3.31
CA GLU A 67 10.32 28.24 -3.60
C GLU A 67 11.08 27.29 -4.55
N THR A 68 10.87 25.98 -4.45
CA THR A 68 11.62 25.07 -5.31
C THR A 68 10.89 24.73 -6.60
N GLY A 69 9.54 24.86 -6.62
CA GLY A 69 8.72 24.47 -7.75
C GLY A 69 8.43 22.98 -7.80
N ASN A 70 8.87 22.18 -6.82
CA ASN A 70 8.62 20.74 -6.89
C ASN A 70 7.14 20.42 -6.58
N HIS A 71 6.62 19.36 -7.19
CA HIS A 71 5.26 18.88 -6.93
C HIS A 71 5.25 17.75 -5.91
N TYR A 72 4.18 17.73 -5.10
CA TYR A 72 4.03 16.69 -4.07
C TYR A 72 2.58 16.31 -3.94
N ALA A 73 2.34 15.10 -3.41
CA ALA A 73 0.99 14.65 -3.00
C ALA A 73 0.85 14.86 -1.48
N MET A 74 -0.06 15.76 -1.03
CA MET A 74 -0.23 16.09 0.38
C MET A 74 -1.48 15.40 0.89
N LYS A 75 -1.32 14.46 1.87
CA LYS A 75 -2.44 13.83 2.53
C LYS A 75 -2.81 14.69 3.74
N ILE A 76 -4.09 15.07 3.82
CA ILE A 76 -4.61 16.00 4.85
C ILE A 76 -5.66 15.24 5.67
N LEU A 77 -5.46 15.12 7.00
CA LEU A 77 -6.42 14.45 7.88
C LEU A 77 -7.01 15.45 8.87
N ASP A 78 -8.34 15.46 9.02
CA ASP A 78 -9.02 16.34 9.98
C ASP A 78 -8.95 15.64 11.37
N LYS A 79 -8.28 16.30 12.33
CA LYS A 79 -8.08 15.68 13.66
C LYS A 79 -9.40 15.28 14.32
N GLN A 80 -10.41 16.16 14.28
CA GLN A 80 -11.69 15.86 14.93
C GLN A 80 -12.36 14.65 14.29
N LYS A 81 -12.22 14.50 12.96
CA LYS A 81 -12.82 13.33 12.31
C LYS A 81 -12.02 12.07 12.60
N VAL A 82 -10.69 12.19 12.72
CA VAL A 82 -9.88 11.01 13.05
C VAL A 82 -10.29 10.46 14.41
N VAL A 83 -10.50 11.35 15.38
CA VAL A 83 -10.95 10.96 16.72
C VAL A 83 -12.32 10.26 16.66
N LYS A 84 -13.27 10.85 15.92
CA LYS A 84 -14.63 10.32 15.91
C LYS A 84 -14.72 8.96 15.21
N LEU A 85 -13.91 8.71 14.18
CA LEU A 85 -13.88 7.41 13.50
C LEU A 85 -12.89 6.41 14.10
N LYS A 86 -12.32 6.74 15.27
CA LYS A 86 -11.52 5.81 16.09
C LYS A 86 -10.25 5.39 15.38
N GLN A 87 -9.62 6.37 14.72
CA GLN A 87 -8.40 6.17 13.95
C GLN A 87 -7.16 6.84 14.55
N ILE A 88 -7.16 7.20 15.85
CA ILE A 88 -5.99 7.90 16.43
C ILE A 88 -4.72 7.06 16.28
N GLU A 89 -4.74 5.84 16.83
CA GLU A 89 -3.57 4.96 16.81
C GLU A 89 -3.13 4.64 15.38
N HIS A 90 -4.10 4.36 14.51
CA HIS A 90 -3.76 4.07 13.11
C HIS A 90 -3.03 5.25 12.45
N THR A 91 -3.48 6.51 12.69
N THR A 91 -3.50 6.49 12.70
CA THR A 91 -2.81 7.64 12.04
CA THR A 91 -2.88 7.67 12.09
C THR A 91 -1.42 7.90 12.63
C THR A 91 -1.45 7.89 12.62
N LEU A 92 -1.24 7.69 13.94
CA LEU A 92 0.10 7.77 14.51
C LEU A 92 1.02 6.67 13.94
N ASN A 93 0.50 5.42 13.77
CA ASN A 93 1.27 4.34 13.11
C ASN A 93 1.71 4.78 11.71
N GLU A 94 0.77 5.30 10.91
CA GLU A 94 1.04 5.66 9.50
C GLU A 94 2.24 6.58 9.39
N LYS A 95 2.21 7.70 10.16
CA LYS A 95 3.29 8.68 10.01
C LYS A 95 4.61 8.14 10.56
N ARG A 96 4.58 7.48 11.75
CA ARG A 96 5.84 7.01 12.34
C ARG A 96 6.52 5.94 11.46
N ILE A 97 5.73 5.04 10.83
CA ILE A 97 6.32 4.05 9.91
C ILE A 97 6.84 4.74 8.63
N LEU A 98 6.03 5.63 8.01
CA LEU A 98 6.45 6.23 6.73
C LEU A 98 7.73 7.03 6.87
N GLN A 99 7.91 7.75 8.00
CA GLN A 99 9.16 8.50 8.12
C GLN A 99 10.39 7.60 8.38
N ALA A 100 10.21 6.31 8.69
CA ALA A 100 11.31 5.40 9.00
C ALA A 100 11.67 4.40 7.90
N VAL A 101 10.82 4.19 6.87
CA VAL A 101 11.09 3.16 5.87
C VAL A 101 11.82 3.75 4.67
N ASN A 102 12.39 2.85 3.85
CA ASN A 102 13.13 3.22 2.64
C ASN A 102 13.26 2.01 1.74
N PHE A 103 12.56 1.97 0.60
CA PHE A 103 12.63 0.80 -0.29
C PHE A 103 12.19 1.26 -1.70
N PRO A 104 12.69 0.66 -2.77
CA PRO A 104 12.39 1.22 -4.12
C PRO A 104 10.90 1.28 -4.49
N PHE A 105 10.06 0.42 -3.92
CA PHE A 105 8.66 0.30 -4.33
C PHE A 105 7.69 0.86 -3.27
N LEU A 106 8.17 1.74 -2.37
CA LEU A 106 7.32 2.46 -1.39
C LEU A 106 7.34 3.96 -1.71
N VAL A 107 6.15 4.61 -1.73
CA VAL A 107 6.15 6.06 -1.89
C VAL A 107 6.95 6.69 -0.74
N LYS A 108 7.73 7.74 -1.07
CA LYS A 108 8.58 8.46 -0.10
C LYS A 108 7.88 9.62 0.61
N LEU A 109 7.93 9.62 1.94
CA LEU A 109 7.47 10.79 2.71
C LEU A 109 8.60 11.83 2.69
N GLU A 110 8.29 13.06 2.30
CA GLU A 110 9.28 14.15 2.26
C GLU A 110 9.17 15.11 3.44
N PHE A 111 7.95 15.46 3.90
CA PHE A 111 7.76 16.33 5.08
C PHE A 111 6.52 15.87 5.85
N SER A 112 6.43 16.30 7.14
CA SER A 112 5.17 16.14 7.89
C SER A 112 5.05 17.31 8.86
N PHE A 113 3.80 17.64 9.20
CA PHE A 113 3.52 18.72 10.15
C PHE A 113 2.04 18.67 10.56
N LYS A 114 1.69 19.52 11.56
CA LYS A 114 0.30 19.66 12.02
C LYS A 114 0.03 21.13 12.32
N ASP A 115 -1.26 21.46 12.40
CA ASP A 115 -1.69 22.82 12.80
C ASP A 115 -2.91 22.65 13.70
N ASN A 116 -3.62 23.77 13.97
CA ASN A 116 -4.71 23.68 14.94
C ASN A 116 -5.77 22.66 14.55
N SER A 117 -5.98 22.41 13.24
CA SER A 117 -7.09 21.56 12.77
C SER A 117 -6.67 20.22 12.16
N ASN A 118 -5.53 20.15 11.44
CA ASN A 118 -5.25 19.01 10.56
C ASN A 118 -3.87 18.43 10.83
N LEU A 119 -3.71 17.17 10.34
CA LEU A 119 -2.41 16.50 10.19
C LEU A 119 -2.04 16.44 8.71
N TYR A 120 -0.74 16.60 8.36
CA TYR A 120 -0.30 16.66 6.96
C TYR A 120 0.86 15.69 6.75
N MET A 121 0.79 14.88 5.68
CA MET A 121 1.92 14.04 5.23
C MET A 121 2.18 14.41 3.77
N VAL A 122 3.39 14.92 3.50
CA VAL A 122 3.71 15.40 2.14
C VAL A 122 4.61 14.38 1.46
N MET A 123 4.09 13.73 0.40
N MET A 123 4.10 13.72 0.40
CA MET A 123 4.77 12.61 -0.26
CA MET A 123 4.72 12.56 -0.23
C MET A 123 5.27 13.04 -1.64
C MET A 123 5.18 12.95 -1.65
N GLU A 124 6.19 12.27 -2.19
CA GLU A 124 6.50 12.46 -3.63
C GLU A 124 5.24 12.17 -4.47
N TYR A 125 5.02 12.94 -5.54
CA TYR A 125 3.87 12.75 -6.42
C TYR A 125 4.22 11.75 -7.53
N VAL A 126 3.38 10.74 -7.71
CA VAL A 126 3.56 9.72 -8.75
C VAL A 126 2.48 9.97 -9.83
N PRO A 127 2.82 10.52 -11.02
CA PRO A 127 1.76 11.01 -11.94
C PRO A 127 1.09 9.94 -12.78
N GLY A 128 1.56 8.71 -12.77
CA GLY A 128 0.97 7.73 -13.69
C GLY A 128 -0.35 7.15 -13.26
N GLY A 129 -0.86 7.46 -12.03
CA GLY A 129 -2.14 6.96 -11.64
C GLY A 129 -2.12 5.61 -10.93
N GLU A 130 -3.29 5.22 -10.42
CA GLU A 130 -3.46 3.94 -9.70
C GLU A 130 -3.50 2.76 -10.66
N MET A 131 -2.92 1.62 -10.22
N MET A 131 -2.93 1.63 -10.22
CA MET A 131 -3.03 0.39 -11.00
CA MET A 131 -3.02 0.43 -11.04
C MET A 131 -4.49 0.07 -11.31
C MET A 131 -4.48 0.02 -11.29
N PHE A 132 -5.39 0.35 -10.35
CA PHE A 132 -6.81 0.07 -10.53
C PHE A 132 -7.38 0.67 -11.84
N SER A 133 -7.07 1.96 -12.12
N SER A 133 -7.05 1.93 -12.16
CA SER A 133 -7.56 2.61 -13.36
CA SER A 133 -7.61 2.53 -13.38
C SER A 133 -7.06 1.85 -14.59
C SER A 133 -7.05 1.88 -14.64
N HIS A 134 -5.77 1.49 -14.62
CA HIS A 134 -5.19 0.84 -15.79
C HIS A 134 -5.75 -0.57 -15.99
N LEU A 135 -5.92 -1.33 -14.89
CA LEU A 135 -6.54 -2.66 -14.93
C LEU A 135 -7.97 -2.61 -15.49
N ARG A 136 -8.78 -1.68 -14.98
N ARG A 136 -8.75 -1.63 -15.02
CA ARG A 136 -10.18 -1.66 -15.43
CA ARG A 136 -10.13 -1.52 -15.46
C ARG A 136 -10.29 -1.18 -16.87
C ARG A 136 -10.21 -1.01 -16.90
N ARG A 137 -9.40 -0.28 -17.29
N ARG A 137 -9.22 -0.23 -17.36
CA ARG A 137 -9.34 0.13 -18.70
CA ARG A 137 -9.22 0.25 -18.75
C ARG A 137 -9.12 -1.08 -19.61
C ARG A 137 -8.90 -0.86 -19.76
N ILE A 138 -8.01 -1.80 -19.41
CA ILE A 138 -7.62 -2.85 -20.35
C ILE A 138 -8.38 -4.17 -20.15
N GLY A 139 -9.00 -4.37 -18.98
CA GLY A 139 -9.76 -5.55 -18.70
C GLY A 139 -8.99 -6.49 -17.78
N ARG A 140 -7.95 -7.12 -18.29
CA ARG A 140 -7.06 -7.94 -17.46
C ARG A 140 -5.63 -7.80 -17.97
N PHE A 141 -4.67 -8.16 -17.12
CA PHE A 141 -3.25 -8.18 -17.50
C PHE A 141 -2.86 -9.58 -17.96
N SEP A 142 -1.94 -9.65 -18.96
CA SEP A 142 -1.35 -10.97 -19.31
CB SEP A 142 -0.42 -10.80 -20.50
OG SEP A 142 0.77 -10.10 -20.14
C SEP A 142 -0.58 -11.52 -18.10
O SEP A 142 -0.17 -10.75 -17.19
P SEP A 142 1.74 -9.56 -21.34
O1P SEP A 142 2.97 -8.73 -20.67
O2P SEP A 142 2.17 -10.79 -22.16
O3P SEP A 142 0.82 -8.56 -22.22
N GLU A 143 -0.27 -12.82 -18.08
CA GLU A 143 0.46 -13.36 -16.94
C GLU A 143 1.85 -12.67 -16.75
N PRO A 144 2.63 -12.44 -17.84
CA PRO A 144 3.93 -11.73 -17.65
C PRO A 144 3.76 -10.35 -17.02
N HIS A 145 2.74 -9.60 -17.42
CA HIS A 145 2.48 -8.25 -16.87
C HIS A 145 2.08 -8.34 -15.39
N ALA A 146 1.14 -9.26 -15.06
CA ALA A 146 0.79 -9.49 -13.64
C ALA A 146 2.00 -9.92 -12.81
N ARG A 147 2.88 -10.77 -13.40
CA ARG A 147 4.05 -11.29 -12.66
C ARG A 147 5.08 -10.21 -12.38
N PHE A 148 5.27 -9.27 -13.31
CA PHE A 148 6.19 -8.13 -13.07
C PHE A 148 5.75 -7.32 -11.82
N TYR A 149 4.46 -6.93 -11.76
CA TYR A 149 3.95 -6.25 -10.55
C TYR A 149 3.99 -7.13 -9.30
N ALA A 150 3.63 -8.42 -9.42
CA ALA A 150 3.60 -9.32 -8.26
C ALA A 150 4.98 -9.44 -7.63
N ALA A 151 6.03 -9.53 -8.48
CA ALA A 151 7.39 -9.67 -7.95
C ALA A 151 7.76 -8.46 -7.08
N GLN A 152 7.36 -7.25 -7.51
CA GLN A 152 7.65 -6.05 -6.70
C GLN A 152 6.94 -6.11 -5.34
N ILE A 153 5.68 -6.63 -5.30
CA ILE A 153 4.98 -6.78 -4.03
C ILE A 153 5.65 -7.82 -3.13
N VAL A 154 6.13 -8.94 -3.71
CA VAL A 154 6.83 -9.97 -2.91
C VAL A 154 8.06 -9.38 -2.25
N LEU A 155 8.88 -8.63 -3.02
CA LEU A 155 10.10 -8.02 -2.43
C LEU A 155 9.71 -6.99 -1.36
N THR A 156 8.66 -6.18 -1.60
CA THR A 156 8.24 -5.16 -0.63
C THR A 156 7.74 -5.79 0.67
N PHE A 157 6.95 -6.89 0.57
CA PHE A 157 6.51 -7.60 1.79
C PHE A 157 7.68 -8.28 2.50
N GLU A 158 8.64 -8.84 1.75
CA GLU A 158 9.84 -9.39 2.42
C GLU A 158 10.56 -8.30 3.26
N TYR A 159 10.76 -7.12 2.67
CA TYR A 159 11.30 -5.94 3.41
C TYR A 159 10.45 -5.59 4.64
N LEU A 160 9.16 -5.29 4.43
CA LEU A 160 8.33 -4.83 5.55
C LEU A 160 8.25 -5.88 6.68
N HIS A 161 8.03 -7.16 6.31
CA HIS A 161 7.88 -8.19 7.37
C HIS A 161 9.20 -8.40 8.14
N SER A 162 10.37 -8.21 7.49
CA SER A 162 11.64 -8.31 8.22
C SER A 162 11.81 -7.21 9.28
N LEU A 163 11.13 -6.08 9.11
CA LEU A 163 11.08 -4.99 10.10
C LEU A 163 9.96 -5.17 11.11
N ASP A 164 9.27 -6.35 11.11
CA ASP A 164 8.12 -6.61 11.98
C ASP A 164 6.91 -5.71 11.66
N LEU A 165 6.77 -5.31 10.41
CA LEU A 165 5.62 -4.49 9.97
C LEU A 165 4.62 -5.32 9.18
N ILE A 166 3.34 -5.22 9.50
N ILE A 166 3.33 -5.07 9.40
CA ILE A 166 2.26 -5.77 8.63
CA ILE A 166 2.21 -5.72 8.70
C ILE A 166 1.67 -4.59 7.87
C ILE A 166 1.45 -4.62 7.93
N TYR A 167 1.26 -4.80 6.60
CA TYR A 167 0.78 -3.69 5.74
C TYR A 167 -0.74 -3.56 5.82
N ARG A 168 -1.49 -4.66 5.61
CA ARG A 168 -2.95 -4.73 5.87
C ARG A 168 -3.84 -3.91 4.94
N ASP A 169 -3.34 -3.35 3.86
CA ASP A 169 -4.25 -2.61 2.98
C ASP A 169 -3.92 -2.89 1.49
N LEU A 170 -3.47 -4.08 1.14
CA LEU A 170 -3.22 -4.36 -0.28
C LEU A 170 -4.51 -4.41 -1.11
N LYS A 171 -4.54 -3.63 -2.19
CA LYS A 171 -5.64 -3.60 -3.17
C LYS A 171 -5.14 -2.74 -4.35
N PRO A 172 -5.74 -2.87 -5.55
CA PRO A 172 -5.19 -2.20 -6.74
C PRO A 172 -5.16 -0.68 -6.66
N GLU A 173 -6.07 -0.07 -5.89
CA GLU A 173 -6.06 1.41 -5.73
C GLU A 173 -4.82 1.93 -5.01
N ASN A 174 -4.17 1.08 -4.18
CA ASN A 174 -3.02 1.56 -3.42
C ASN A 174 -1.67 1.33 -4.10
N LEU A 175 -1.67 0.93 -5.38
CA LEU A 175 -0.43 0.68 -6.11
C LEU A 175 -0.33 1.73 -7.22
N LEU A 176 0.55 2.72 -7.08
CA LEU A 176 0.68 3.74 -8.10
C LEU A 176 1.75 3.35 -9.13
N ILE A 177 1.56 3.77 -10.39
CA ILE A 177 2.48 3.43 -11.48
C ILE A 177 3.35 4.65 -11.81
N ASP A 178 4.67 4.50 -11.73
CA ASP A 178 5.60 5.62 -11.87
C ASP A 178 6.02 5.85 -13.34
N GLN A 179 6.93 6.82 -13.55
CA GLN A 179 7.34 7.21 -14.91
C GLN A 179 8.12 6.11 -15.62
N GLN A 180 8.68 5.14 -14.89
CA GLN A 180 9.36 3.98 -15.48
C GLN A 180 8.49 2.73 -15.58
N GLY A 181 7.20 2.82 -15.21
CA GLY A 181 6.27 1.70 -15.22
C GLY A 181 6.39 0.77 -14.04
N TYR A 182 7.14 1.17 -12.96
CA TYR A 182 7.24 0.38 -11.74
C TYR A 182 6.19 0.86 -10.71
N ILE A 183 5.97 0.01 -9.71
N ILE A 183 5.86 -0.01 -9.75
CA ILE A 183 5.03 0.24 -8.61
CA ILE A 183 4.85 0.38 -8.76
C ILE A 183 5.62 1.12 -7.52
C ILE A 183 5.48 0.99 -7.51
N GLN A 184 4.75 1.95 -6.93
CA GLN A 184 5.01 2.56 -5.63
C GLN A 184 3.77 2.39 -4.75
N VAL A 185 3.93 1.68 -3.63
CA VAL A 185 2.82 1.41 -2.69
C VAL A 185 2.56 2.66 -1.85
N THR A 186 1.29 3.07 -1.78
CA THR A 186 0.85 4.22 -0.98
C THR A 186 -0.24 3.78 0.02
N ASP A 187 -0.45 4.62 1.02
CA ASP A 187 -1.48 4.45 2.07
C ASP A 187 -1.06 3.45 3.15
N PHE A 188 -0.41 3.95 4.20
CA PHE A 188 0.01 3.17 5.35
C PHE A 188 -0.95 3.36 6.53
N GLY A 189 -2.22 3.75 6.25
CA GLY A 189 -3.21 3.98 7.31
C GLY A 189 -3.53 2.77 8.20
N PHE A 190 -3.35 1.53 7.70
CA PHE A 190 -3.56 0.34 8.52
C PHE A 190 -2.24 -0.38 8.86
N ALA A 191 -1.08 0.16 8.45
CA ALA A 191 0.19 -0.54 8.72
C ALA A 191 0.53 -0.46 10.21
N LYS A 192 1.17 -1.53 10.74
CA LYS A 192 1.45 -1.56 12.19
C LYS A 192 2.71 -2.37 12.47
N ARG A 193 3.49 -1.95 13.47
CA ARG A 193 4.59 -2.79 13.98
C ARG A 193 4.06 -3.83 14.98
N VAL A 194 4.22 -5.12 14.65
CA VAL A 194 3.60 -6.26 15.35
C VAL A 194 4.66 -7.37 15.45
N LYS A 195 4.93 -7.91 16.64
N LYS A 195 5.12 -7.67 16.68
CA LYS A 195 5.94 -8.99 16.78
CA LYS A 195 5.75 -8.93 17.02
C LYS A 195 5.35 -10.37 17.11
C LYS A 195 4.65 -9.77 17.64
N GLY A 196 4.09 -10.61 16.82
CA GLY A 196 3.26 -11.70 17.26
C GLY A 196 1.92 -11.48 16.60
N ARG A 197 0.84 -11.43 17.36
CA ARG A 197 -0.49 -11.28 16.81
C ARG A 197 -1.05 -9.84 16.99
N THR A 198 -2.09 -9.55 16.22
CA THR A 198 -2.86 -8.31 16.35
C THR A 198 -4.33 -8.63 16.07
N TRP A 199 -5.23 -7.68 16.40
CA TRP A 199 -6.66 -8.06 16.48
C TRP A 199 -7.62 -7.11 15.71
N TPO A 200 -7.17 -5.97 15.18
CA TPO A 200 -8.13 -4.99 14.65
CB TPO A 200 -7.49 -3.61 14.45
CG2 TPO A 200 -8.57 -2.58 14.18
OG1 TPO A 200 -6.79 -3.23 15.65
P TPO A 200 -5.12 -3.10 15.55
O1P TPO A 200 -4.79 -1.99 14.54
O2P TPO A 200 -4.70 -2.83 16.99
O3P TPO A 200 -4.64 -4.46 15.02
C TPO A 200 -8.83 -5.45 13.38
O TPO A 200 -8.11 -5.88 12.44
N LEU A 201 -10.14 -5.22 13.25
CA LEU A 201 -10.81 -5.43 11.96
C LEU A 201 -10.57 -4.24 11.06
N CYS A 202 -9.86 -4.47 9.96
CA CYS A 202 -9.57 -3.41 8.99
C CYS A 202 -9.19 -4.05 7.68
N GLY A 203 -9.38 -3.29 6.60
CA GLY A 203 -9.12 -3.74 5.24
C GLY A 203 -10.37 -3.74 4.33
N THR A 204 -10.20 -3.76 3.01
CA THR A 204 -11.39 -3.81 2.13
C THR A 204 -11.94 -5.24 2.04
N PRO A 205 -13.27 -5.40 1.98
CA PRO A 205 -13.86 -6.76 2.10
C PRO A 205 -13.29 -7.81 1.16
N GLU A 206 -13.11 -7.48 -0.16
CA GLU A 206 -12.70 -8.51 -1.09
C GLU A 206 -11.28 -9.06 -0.81
N TYR A 207 -10.45 -8.34 -0.03
CA TYR A 207 -9.05 -8.68 0.25
C TYR A 207 -8.82 -9.26 1.65
N LEU A 208 -9.86 -9.38 2.48
CA LEU A 208 -9.68 -9.85 3.87
C LEU A 208 -9.40 -11.35 3.97
N ALA A 209 -8.39 -11.75 4.75
CA ALA A 209 -8.14 -13.16 5.05
C ALA A 209 -9.24 -13.72 5.96
N PRO A 210 -9.47 -15.05 5.91
CA PRO A 210 -10.50 -15.65 6.77
C PRO A 210 -10.31 -15.37 8.25
N GLU A 211 -9.06 -15.39 8.75
CA GLU A 211 -8.84 -15.16 10.19
C GLU A 211 -9.16 -13.74 10.63
N ILE A 212 -9.17 -12.74 9.71
CA ILE A 212 -9.69 -11.41 10.08
C ILE A 212 -11.21 -11.43 10.18
N ILE A 213 -11.88 -12.06 9.21
CA ILE A 213 -13.35 -12.13 9.22
C ILE A 213 -13.84 -12.85 10.48
N LEU A 214 -13.12 -13.89 10.93
CA LEU A 214 -13.52 -14.69 12.10
C LEU A 214 -13.03 -14.11 13.45
N SER A 215 -12.47 -12.88 13.43
CA SER A 215 -12.16 -12.15 14.68
C SER A 215 -11.08 -12.84 15.53
N LYS A 216 -10.13 -13.48 14.87
N LYS A 216 -10.10 -13.45 14.86
CA LYS A 216 -9.03 -14.13 15.54
CA LYS A 216 -8.99 -14.12 15.52
C LYS A 216 -7.86 -13.15 15.78
C LYS A 216 -7.81 -13.17 15.72
N GLY A 217 -6.89 -13.57 16.61
CA GLY A 217 -5.59 -12.91 16.66
C GLY A 217 -4.76 -13.34 15.47
N TYR A 218 -4.47 -12.45 14.55
CA TYR A 218 -3.84 -12.84 13.28
C TYR A 218 -2.43 -12.24 13.15
N ASN A 219 -1.71 -12.61 12.08
CA ASN A 219 -0.28 -12.24 11.93
C ASN A 219 0.01 -11.87 10.47
N LYS A 220 1.31 -11.80 10.12
CA LYS A 220 1.72 -11.33 8.79
C LYS A 220 1.23 -12.20 7.66
N ALA A 221 0.77 -13.43 7.97
CA ALA A 221 0.17 -14.27 6.93
C ALA A 221 -1.03 -13.64 6.22
N VAL A 222 -1.70 -12.64 6.83
CA VAL A 222 -2.82 -11.97 6.11
C VAL A 222 -2.34 -11.21 4.89
N ASP A 223 -1.08 -10.71 4.90
CA ASP A 223 -0.58 -9.99 3.70
C ASP A 223 -0.35 -10.95 2.53
N TRP A 224 0.14 -12.19 2.79
CA TRP A 224 0.34 -13.18 1.72
C TRP A 224 -1.02 -13.66 1.15
N TRP A 225 -2.07 -13.80 1.99
CA TRP A 225 -3.44 -14.06 1.47
C TRP A 225 -3.86 -12.92 0.51
N ALA A 226 -3.66 -11.65 0.94
CA ALA A 226 -4.08 -10.54 0.08
C ALA A 226 -3.28 -10.51 -1.23
N LEU A 227 -2.01 -10.95 -1.23
CA LEU A 227 -1.23 -11.05 -2.49
C LEU A 227 -1.88 -12.06 -3.46
N GLY A 228 -2.41 -13.20 -2.92
CA GLY A 228 -3.15 -14.14 -3.76
C GLY A 228 -4.38 -13.51 -4.41
N VAL A 229 -5.13 -12.69 -3.63
CA VAL A 229 -6.32 -11.99 -4.19
C VAL A 229 -5.89 -11.04 -5.29
N LEU A 230 -4.79 -10.29 -5.05
CA LEU A 230 -4.31 -9.31 -6.03
C LEU A 230 -3.88 -9.99 -7.33
N ILE A 231 -3.07 -11.06 -7.22
CA ILE A 231 -2.61 -11.76 -8.45
C ILE A 231 -3.81 -12.29 -9.23
N TYR A 232 -4.77 -12.92 -8.53
CA TYR A 232 -6.00 -13.41 -9.19
C TYR A 232 -6.70 -12.27 -9.92
N GLU A 233 -6.94 -11.13 -9.23
CA GLU A 233 -7.67 -10.02 -9.86
C GLU A 233 -6.88 -9.43 -11.03
N MET A 234 -5.57 -9.27 -10.93
CA MET A 234 -4.78 -8.78 -12.09
C MET A 234 -4.93 -9.70 -13.32
N ALA A 235 -4.90 -11.03 -13.12
CA ALA A 235 -4.88 -11.96 -14.27
C ALA A 235 -6.26 -12.33 -14.75
N ALA A 236 -7.31 -12.18 -13.92
CA ALA A 236 -8.69 -12.46 -14.34
C ALA A 236 -9.46 -11.21 -14.73
N GLY A 237 -9.22 -10.10 -14.06
CA GLY A 237 -10.01 -8.87 -14.27
C GLY A 237 -11.05 -8.60 -13.18
N TYR A 238 -11.23 -9.53 -12.24
CA TYR A 238 -12.20 -9.46 -11.14
C TYR A 238 -11.66 -10.30 -9.99
N PRO A 239 -12.12 -10.07 -8.75
CA PRO A 239 -11.54 -10.78 -7.60
C PRO A 239 -12.19 -12.14 -7.36
N PRO A 240 -11.48 -13.05 -6.69
CA PRO A 240 -11.92 -14.47 -6.58
C PRO A 240 -13.17 -14.71 -5.74
N PHE A 241 -13.49 -13.81 -4.79
CA PHE A 241 -14.62 -14.02 -3.88
C PHE A 241 -15.75 -13.05 -4.13
N PHE A 242 -15.84 -12.53 -5.37
CA PHE A 242 -16.77 -11.49 -5.71
C PHE A 242 -18.21 -11.85 -5.34
N ALA A 243 -18.94 -10.88 -4.75
CA ALA A 243 -20.38 -10.98 -4.52
C ALA A 243 -20.92 -9.56 -4.32
N ASP A 244 -22.27 -9.41 -4.35
CA ASP A 244 -22.91 -8.08 -4.31
C ASP A 244 -22.82 -7.35 -2.97
N GLN A 245 -22.87 -8.05 -1.85
CA GLN A 245 -22.81 -7.44 -0.51
C GLN A 245 -21.71 -8.09 0.31
N PRO A 246 -21.14 -7.33 1.29
CA PRO A 246 -20.04 -7.86 2.12
C PRO A 246 -20.36 -9.19 2.79
N ILE A 247 -21.58 -9.39 3.33
CA ILE A 247 -21.84 -10.64 4.07
C ILE A 247 -21.69 -11.87 3.16
N GLN A 248 -22.04 -11.71 1.87
CA GLN A 248 -21.89 -12.79 0.89
C GLN A 248 -20.43 -12.97 0.48
N ILE A 249 -19.67 -11.88 0.36
CA ILE A 249 -18.23 -11.99 0.13
C ILE A 249 -17.56 -12.78 1.26
N TYR A 250 -17.89 -12.42 2.51
CA TYR A 250 -17.28 -13.10 3.66
C TYR A 250 -17.61 -14.60 3.68
N GLU A 251 -18.87 -14.97 3.35
CA GLU A 251 -19.21 -16.39 3.26
C GLU A 251 -18.33 -17.12 2.24
N LYS A 252 -18.08 -16.50 1.07
CA LYS A 252 -17.24 -17.13 0.06
C LYS A 252 -15.79 -17.26 0.54
N ILE A 253 -15.24 -16.20 1.15
CA ILE A 253 -13.87 -16.23 1.67
C ILE A 253 -13.66 -17.38 2.64
N VAL A 254 -14.54 -17.51 3.65
CA VAL A 254 -14.29 -18.52 4.70
C VAL A 254 -14.52 -19.93 4.18
N SER A 255 -15.32 -20.10 3.11
CA SER A 255 -15.41 -21.40 2.45
C SER A 255 -14.10 -21.69 1.74
N GLY A 256 -13.51 -20.64 1.16
CA GLY A 256 -12.28 -20.66 0.38
C GLY A 256 -12.40 -21.44 -0.92
N LYS A 257 -13.57 -21.98 -1.26
CA LYS A 257 -13.75 -22.50 -2.63
C LYS A 257 -13.49 -21.37 -3.62
N VAL A 258 -12.66 -21.66 -4.62
CA VAL A 258 -12.25 -20.70 -5.64
C VAL A 258 -12.40 -21.39 -6.99
N ARG A 259 -12.92 -20.66 -7.96
CA ARG A 259 -13.02 -21.14 -9.35
C ARG A 259 -12.04 -20.35 -10.20
N PHE A 260 -11.21 -21.05 -10.98
CA PHE A 260 -10.21 -20.38 -11.80
C PHE A 260 -10.66 -20.35 -13.26
N PRO A 261 -10.45 -19.22 -13.97
CA PRO A 261 -10.68 -19.20 -15.43
C PRO A 261 -9.81 -20.23 -16.14
N SER A 262 -10.37 -20.84 -17.22
N SER A 262 -10.37 -20.82 -17.22
CA SER A 262 -9.57 -21.82 -17.97
CA SER A 262 -9.62 -21.79 -18.01
C SER A 262 -8.31 -21.21 -18.60
C SER A 262 -8.34 -21.21 -18.61
N HIS A 263 -8.30 -19.90 -18.87
CA HIS A 263 -7.11 -19.33 -19.47
C HIS A 263 -5.93 -19.25 -18.50
N PHE A 264 -6.15 -19.38 -17.18
CA PHE A 264 -5.01 -19.42 -16.25
C PHE A 264 -4.08 -20.63 -16.51
N SER A 265 -2.76 -20.40 -16.47
CA SER A 265 -1.78 -21.50 -16.54
C SER A 265 -1.94 -22.45 -15.32
N SER A 266 -1.46 -23.70 -15.49
CA SER A 266 -1.43 -24.61 -14.33
C SER A 266 -0.52 -24.11 -13.22
N ASP A 267 0.63 -23.48 -13.57
CA ASP A 267 1.52 -22.89 -12.54
C ASP A 267 0.80 -21.80 -11.76
N LEU A 268 0.04 -20.93 -12.45
CA LEU A 268 -0.69 -19.85 -11.72
C LEU A 268 -1.70 -20.44 -10.77
N LYS A 269 -2.55 -21.37 -11.24
CA LYS A 269 -3.52 -22.04 -10.34
C LYS A 269 -2.83 -22.61 -9.09
N ASP A 270 -1.69 -23.30 -9.28
CA ASP A 270 -1.05 -23.94 -8.14
C ASP A 270 -0.55 -22.91 -7.13
N LEU A 271 0.09 -21.83 -7.62
CA LEU A 271 0.53 -20.76 -6.70
C LEU A 271 -0.67 -20.18 -5.93
N LEU A 272 -1.77 -19.92 -6.63
CA LEU A 272 -2.93 -19.28 -5.97
C LEU A 272 -3.62 -20.20 -4.94
N ARG A 273 -3.65 -21.53 -5.17
CA ARG A 273 -4.20 -22.43 -4.15
C ARG A 273 -3.40 -22.38 -2.85
N ASN A 274 -2.08 -22.13 -2.97
CA ASN A 274 -1.18 -22.08 -1.83
C ASN A 274 -1.19 -20.73 -1.12
N LEU A 275 -1.44 -19.62 -1.83
CA LEU A 275 -1.62 -18.30 -1.16
C LEU A 275 -3.03 -18.17 -0.59
N LEU A 276 -4.07 -18.62 -1.33
CA LEU A 276 -5.47 -18.59 -0.85
C LEU A 276 -5.81 -19.82 -0.04
N GLN A 277 -4.89 -20.24 0.83
CA GLN A 277 -5.08 -21.37 1.73
C GLN A 277 -5.78 -20.86 3.00
N VAL A 278 -6.98 -21.39 3.29
N VAL A 278 -6.99 -21.38 3.29
CA VAL A 278 -7.76 -20.90 4.46
CA VAL A 278 -7.75 -20.92 4.46
C VAL A 278 -7.18 -21.30 5.81
C VAL A 278 -6.98 -21.16 5.75
N ASP A 279 -6.31 -22.32 5.87
CA ASP A 279 -5.62 -22.64 7.12
C ASP A 279 -4.30 -21.89 7.10
N LEU A 280 -4.18 -20.86 7.98
CA LEU A 280 -3.02 -19.97 7.92
C LEU A 280 -1.72 -20.73 8.21
N THR A 281 -1.79 -21.87 8.93
CA THR A 281 -0.56 -22.61 9.21
C THR A 281 -0.03 -23.38 8.02
N LYS A 282 -0.78 -23.42 6.88
CA LYS A 282 -0.38 -24.12 5.65
C LYS A 282 -0.15 -23.15 4.48
N ARG A 283 -0.25 -21.85 4.74
CA ARG A 283 -0.28 -20.84 3.67
C ARG A 283 1.15 -20.43 3.24
N PHE A 284 1.43 -20.43 1.93
CA PHE A 284 2.73 -19.96 1.44
C PHE A 284 3.04 -18.56 1.96
N GLY A 285 4.32 -18.34 2.28
CA GLY A 285 4.77 -17.16 2.97
C GLY A 285 4.85 -17.38 4.48
N ASN A 286 4.09 -18.34 5.02
CA ASN A 286 4.01 -18.58 6.47
C ASN A 286 4.53 -19.97 6.87
N LEU A 287 5.29 -20.64 5.97
CA LEU A 287 5.90 -21.94 6.29
C LEU A 287 7.34 -21.76 6.77
N LYS A 288 8.01 -22.88 7.10
CA LYS A 288 9.41 -22.82 7.59
C LYS A 288 10.33 -22.04 6.64
N ASN A 289 10.14 -22.15 5.32
CA ASN A 289 11.02 -21.47 4.38
C ASN A 289 10.54 -20.04 4.07
N GLY A 290 9.47 -19.58 4.70
CA GLY A 290 9.03 -18.18 4.54
C GLY A 290 8.83 -17.75 3.08
N VAL A 291 9.32 -16.54 2.74
CA VAL A 291 9.10 -16.00 1.39
C VAL A 291 9.71 -16.87 0.29
N ASN A 292 10.72 -17.71 0.61
CA ASN A 292 11.38 -18.46 -0.47
C ASN A 292 10.46 -19.50 -1.11
N ASP A 293 9.42 -20.00 -0.41
CA ASP A 293 8.44 -20.86 -1.08
C ASP A 293 7.74 -20.13 -2.22
N ILE A 294 7.54 -18.82 -2.09
CA ILE A 294 6.94 -18.04 -3.18
C ILE A 294 7.96 -17.72 -4.27
N LYS A 295 9.16 -17.22 -3.89
CA LYS A 295 10.15 -16.83 -4.89
C LYS A 295 10.62 -18.00 -5.75
N ASN A 296 10.63 -19.23 -5.21
CA ASN A 296 11.07 -20.45 -5.91
C ASN A 296 9.96 -21.23 -6.60
N HIS A 297 8.72 -20.72 -6.57
CA HIS A 297 7.62 -21.42 -7.21
C HIS A 297 7.78 -21.34 -8.73
N LYS A 298 7.35 -22.41 -9.42
CA LYS A 298 7.42 -22.41 -10.89
C LYS A 298 6.82 -21.18 -11.59
N TRP A 299 5.76 -20.57 -11.02
CA TRP A 299 5.19 -19.41 -11.73
C TRP A 299 6.21 -18.26 -11.86
N PHE A 300 7.15 -18.15 -10.89
CA PHE A 300 8.17 -17.11 -10.89
C PHE A 300 9.49 -17.58 -11.53
N ALA A 301 9.50 -18.68 -12.32
CA ALA A 301 10.80 -19.20 -12.79
C ALA A 301 11.53 -18.22 -13.72
N THR A 302 10.79 -17.39 -14.49
CA THR A 302 11.44 -16.41 -15.39
C THR A 302 11.86 -15.10 -14.69
N THR A 303 11.54 -14.95 -13.38
CA THR A 303 11.78 -13.66 -12.69
C THR A 303 13.23 -13.57 -12.20
N ASP A 304 13.92 -12.48 -12.57
CA ASP A 304 15.27 -12.16 -12.09
C ASP A 304 15.07 -11.20 -10.92
N TRP A 305 15.11 -11.74 -9.69
CA TRP A 305 14.75 -10.96 -8.49
C TRP A 305 15.68 -9.75 -8.31
N ILE A 306 16.99 -9.93 -8.54
CA ILE A 306 17.94 -8.82 -8.38
C ILE A 306 17.67 -7.72 -9.40
N ALA A 307 17.42 -8.12 -10.67
CA ALA A 307 17.17 -7.13 -11.71
C ALA A 307 15.89 -6.33 -11.44
N ILE A 308 14.86 -6.99 -10.88
CA ILE A 308 13.65 -6.25 -10.47
C ILE A 308 13.99 -5.19 -9.40
N TYR A 309 14.67 -5.61 -8.31
CA TYR A 309 15.04 -4.66 -7.25
C TYR A 309 15.84 -3.47 -7.78
N GLN A 310 16.80 -3.73 -8.68
CA GLN A 310 17.67 -2.72 -9.29
C GLN A 310 16.95 -1.90 -10.37
N ARG A 311 15.68 -2.19 -10.66
N ARG A 311 15.69 -2.23 -10.69
CA ARG A 311 14.92 -1.49 -11.70
CA ARG A 311 14.88 -1.53 -11.69
C ARG A 311 15.63 -1.56 -13.04
C ARG A 311 15.50 -1.61 -13.09
N LYS A 312 16.11 -2.76 -13.42
CA LYS A 312 16.78 -2.96 -14.70
C LYS A 312 15.93 -3.68 -15.75
N VAL A 313 14.77 -4.22 -15.37
CA VAL A 313 13.84 -4.86 -16.29
C VAL A 313 12.98 -3.81 -17.01
N GLU A 314 12.80 -3.97 -18.34
CA GLU A 314 11.88 -3.09 -19.05
C GLU A 314 10.43 -3.37 -18.63
N ALA A 315 9.70 -2.31 -18.24
CA ALA A 315 8.34 -2.50 -17.77
C ALA A 315 7.42 -2.86 -18.93
N PRO A 316 6.31 -3.55 -18.65
CA PRO A 316 5.34 -3.86 -19.71
C PRO A 316 4.59 -2.66 -20.24
N PHE A 317 4.50 -1.59 -19.48
CA PHE A 317 3.58 -0.51 -19.77
C PHE A 317 4.14 0.78 -19.16
N ILE A 318 4.19 1.85 -19.94
CA ILE A 318 4.62 3.15 -19.45
C ILE A 318 3.38 4.06 -19.47
N PRO A 319 2.96 4.63 -18.34
CA PRO A 319 1.77 5.49 -18.38
C PRO A 319 2.00 6.73 -19.23
N LYS A 320 0.93 7.21 -19.87
CA LYS A 320 0.94 8.44 -20.68
C LYS A 320 0.65 9.63 -19.78
N PHE A 321 1.58 10.58 -19.73
CA PHE A 321 1.37 11.84 -19.02
C PHE A 321 2.38 12.87 -19.54
N LYS A 322 2.07 14.18 -19.35
CA LYS A 322 2.83 15.24 -20.01
C LYS A 322 4.00 15.79 -19.16
N GLY A 323 4.01 15.59 -17.84
CA GLY A 323 5.06 16.14 -17.00
C GLY A 323 4.73 15.93 -15.54
N PRO A 324 5.60 16.39 -14.64
CA PRO A 324 5.46 16.10 -13.21
C PRO A 324 4.26 16.77 -12.54
N GLY A 325 3.60 17.73 -13.21
CA GLY A 325 2.37 18.32 -12.70
C GLY A 325 1.09 17.85 -13.36
N ASP A 326 1.16 16.92 -14.31
N ASP A 326 1.16 16.87 -14.25
CA ASP A 326 -0.03 16.45 -15.01
CA ASP A 326 0.02 16.34 -14.99
C ASP A 326 -0.89 15.60 -14.07
C ASP A 326 -0.90 15.55 -14.04
N THR A 327 -2.20 15.91 -13.99
CA THR A 327 -3.19 15.18 -13.19
C THR A 327 -4.17 14.33 -14.01
N SER A 328 -3.91 14.13 -15.31
N SER A 328 -3.90 14.12 -15.30
CA SER A 328 -4.89 13.50 -16.21
CA SER A 328 -4.88 13.50 -16.22
C SER A 328 -5.19 12.04 -15.85
C SER A 328 -5.17 12.04 -15.89
N ASN A 329 -4.27 11.36 -15.17
CA ASN A 329 -4.48 9.96 -14.79
C ASN A 329 -5.24 9.77 -13.48
N PHE A 330 -5.65 10.89 -12.84
CA PHE A 330 -6.51 10.91 -11.66
C PHE A 330 -7.85 11.56 -12.01
N ASP A 331 -8.85 11.37 -11.16
CA ASP A 331 -10.19 11.80 -11.52
C ASP A 331 -10.62 13.10 -10.80
N ASP A 332 -11.88 13.52 -11.02
CA ASP A 332 -12.36 14.83 -10.57
C ASP A 332 -13.29 14.76 -9.34
N TYR A 333 -13.01 15.63 -8.34
CA TYR A 333 -13.74 15.70 -7.08
C TYR A 333 -14.13 17.14 -6.79
N GLU A 334 -15.24 17.34 -6.08
CA GLU A 334 -15.57 18.70 -5.60
C GLU A 334 -14.41 19.29 -4.78
N GLU A 335 -14.05 20.54 -5.08
CA GLU A 335 -12.93 21.20 -4.42
C GLU A 335 -13.38 21.89 -3.15
N GLU A 336 -12.91 21.43 -1.99
CA GLU A 336 -13.28 22.00 -0.68
C GLU A 336 -12.13 22.74 -0.02
N GLU A 337 -12.48 23.71 0.87
CA GLU A 337 -11.49 24.53 1.59
C GLU A 337 -10.58 23.67 2.47
N ILE A 338 -9.35 24.15 2.71
CA ILE A 338 -8.47 23.64 3.80
C ILE A 338 -8.54 24.69 4.91
N ARG A 339 -9.47 24.50 5.83
CA ARG A 339 -9.65 25.45 6.92
C ARG A 339 -8.82 25.08 8.14
N VAL A 340 -8.32 26.12 8.83
CA VAL A 340 -7.47 26.00 10.01
C VAL A 340 -8.09 26.86 11.13
N SEP A 341 -8.59 26.22 12.19
CA SEP A 341 -9.24 26.97 13.29
CB SEP A 341 -9.88 25.97 14.28
OG SEP A 341 -10.40 26.61 15.44
C SEP A 341 -8.26 27.87 14.02
O SEP A 341 -7.06 27.66 13.97
P SEP A 341 -11.92 27.22 15.30
O1P SEP A 341 -11.86 28.67 14.63
O2P SEP A 341 -12.76 26.17 14.38
O3P SEP A 341 -12.50 27.22 16.78
N ILE A 342 -8.79 28.95 14.63
CA ILE A 342 -7.95 29.82 15.46
C ILE A 342 -7.71 29.20 16.83
N ASN A 343 -8.44 28.13 17.17
CA ASN A 343 -8.25 27.39 18.42
C ASN A 343 -7.66 26.00 18.14
N GLU A 344 -6.71 25.54 18.98
CA GLU A 344 -6.12 24.21 18.78
C GLU A 344 -7.10 23.09 19.15
N LYS A 345 -7.23 22.08 18.26
N LYS A 345 -7.24 22.08 18.25
CA LYS A 345 -8.14 20.95 18.49
CA LYS A 345 -8.14 20.94 18.46
C LYS A 345 -7.36 19.66 18.70
C LYS A 345 -7.34 19.66 18.71
N CYS A 346 -7.78 18.86 19.67
CA CYS A 346 -7.24 17.51 19.89
C CYS A 346 -5.71 17.50 20.10
N GLY A 347 -5.18 18.52 20.79
CA GLY A 347 -3.73 18.63 20.96
C GLY A 347 -3.11 17.42 21.65
N LYS A 348 -3.70 17.00 22.77
CA LYS A 348 -3.20 15.87 23.54
C LYS A 348 -3.11 14.59 22.71
N GLU A 349 -4.20 14.25 21.98
CA GLU A 349 -4.26 12.98 21.25
C GLU A 349 -3.13 12.89 20.24
N PHE A 350 -2.74 14.02 19.64
CA PHE A 350 -1.74 13.99 18.55
C PHE A 350 -0.39 14.59 18.95
N THR A 351 -0.07 14.63 20.26
CA THR A 351 1.21 15.18 20.74
C THR A 351 2.44 14.63 19.99
N GLU A 352 2.50 13.32 19.74
CA GLU A 352 3.71 12.73 19.17
C GLU A 352 3.84 12.97 17.65
N PHE A 353 2.79 13.45 16.96
CA PHE A 353 2.83 13.57 15.50
C PHE A 353 3.80 14.71 15.12
S DMS B . 19.69 -0.69 2.62
O DMS B . 18.21 -0.84 2.79
C1 DMS B . 20.36 -2.34 2.92
C2 DMS B . 20.19 -0.32 0.91
S DMS C . -5.01 9.57 -20.32
O DMS C . -3.70 9.95 -19.63
C1 DMS C . -5.15 7.77 -20.28
C2 DMS C . -6.31 9.91 -19.12
S DMS D . 3.05 4.45 17.36
O DMS D . 3.92 5.53 17.98
C1 DMS D . 2.97 3.11 18.58
C2 DMS D . 1.35 4.93 17.63
S DMS E . -8.76 23.87 -6.73
O DMS E . -7.94 22.67 -6.34
C1 DMS E . -7.71 25.33 -6.77
C2 DMS E . -9.28 23.79 -8.48
S DMS F . 9.41 24.04 9.89
O DMS F . 10.53 23.82 8.88
C1 DMS F . 10.06 25.04 11.24
C2 DMS F . 8.31 25.21 9.10
C01 A1JE6 G . 13.53 -7.63 -0.02
O01 A1JE6 G . 14.37 -7.00 -1.00
C02 A1JE6 G . 15.74 -7.25 -1.21
C03 A1JE6 G . 16.35 -8.26 -0.55
C04 A1JE6 G . 17.66 -8.50 -0.73
C05 A1JE6 G . 18.46 -7.76 -1.58
C06 A1JE6 G . 17.86 -6.75 -2.26
C07 A1JE6 G . 16.54 -6.52 -2.06
C01 A1JE6 H . 1.45 10.18 -5.04
C01 A1JE6 H . 2.12 9.60 -3.86
O01 A1JE6 H . 0.56 10.13 -3.89
O01 A1JE6 H . 1.43 10.10 -5.00
C02 A1JE6 H . -0.80 9.86 -4.02
C02 A1JE6 H . 0.04 9.98 -4.84
C03 A1JE6 H . -1.36 9.18 -3.01
C03 A1JE6 H . -0.44 9.49 -3.65
C04 A1JE6 H . -2.66 8.86 -3.00
C04 A1JE6 H . -1.77 9.29 -3.40
C05 A1JE6 H . -3.44 9.25 -4.04
C05 A1JE6 H . -2.69 9.65 -4.34
C06 A1JE6 H . -2.90 9.94 -5.08
C06 A1JE6 H . -2.22 10.14 -5.52
C07 A1JE6 H . -1.58 10.26 -5.08
C07 A1JE6 H . -0.91 10.31 -5.76
C08 A1JE6 H . -4.82 8.88 -4.10
C08 A1JE6 H . -4.13 9.42 -4.12
N01 A1JE6 H . -5.54 8.30 -3.09
N01 A1JE6 H . -4.76 9.25 -2.91
O02 A1JE6 H . -6.93 8.06 -3.73
O02 A1JE6 H . -6.26 9.00 -3.25
C09 A1JE6 H . -6.74 8.52 -5.05
C09 A1JE6 H . -6.24 9.00 -4.65
N02 A1JE6 H . -5.50 9.00 -5.27
N02 A1JE6 H . -5.00 9.26 -5.16
C10 A1JE6 H . -7.80 8.49 -6.10
C10 A1JE6 H . -7.45 8.77 -5.51
C1 PEG I . -14.54 10.39 -9.12
C2 PEG I . -15.10 10.19 -10.47
O2 PEG I . -15.48 11.49 -10.93
C3 PEG I . -14.45 12.12 -11.65
C4 PEG I . -14.20 11.66 -13.04
O4 PEG I . -13.06 12.28 -13.58
#